data_6B0E
#
_entry.id   6B0E
#
_cell.length_a   53.223
_cell.length_b   79.635
_cell.length_c   78.065
_cell.angle_alpha   90.00
_cell.angle_beta   90.91
_cell.angle_gamma   90.00
#
_symmetry.space_group_name_H-M   'P 1 21 1'
#
loop_
_entity.id
_entity.type
_entity.pdbx_description
1 polymer '1260 antibody, light chain'
2 polymer '1260 antibody, heavy chain'
3 polymer '25 kDa ookinete surface antigen'
#
loop_
_entity_poly.entity_id
_entity_poly.type
_entity_poly.pdbx_seq_one_letter_code
_entity_poly.pdbx_strand_id
1 'polypeptide(L)'
;DVVMTQSPLSLPVTLGQPASISCRSSQSLVYSDGNTYLNWFQQGPGQSPRRLIYKVSNRDSGVPDRFSGSGSGTDFTLKI
SRVEAEDVGVYYCMQATHWPLTFGGGTKVEIKRTVAAPSVFIFPPSDEQLKSGTASVVCLLNNFYPREAKVQWKVDNALQ
SGNSQESVTEQDSKDSTYSLSSTLTLSKADYEKHKVYACEVTHQGLSSPVTKSFNRGEC
;
A
2 'polypeptide(L)'
;QVQLVQSGAEVKKPGASVKVSCRASGYIFTSYGFSWVRQAPGQGLEWMGWISAYNGNTDYSQKLQGRVTMTTDTSTNTVY
MELRTLQSDDTAVYYCARDRGDRLYYYYYYGMDVWGQGTTVTVSSASTKGPSVFPLAPSSKSTSGGTAALGCLVKDYFPE
PVTVSWNSGALTSGVHTFPAVLQSSGLYSLSSVVTVPSSSLGTQTYICNVNHKPSNTKVDKKVEPKS
;
B
3 'polypeptide(L)'
;TGAKVTVDTVCKRGFLIQMSGHLECKCENDLVLVNEETCEEKVLKCDEKTVNKPCGDFSKCIKIDGNPVSYACKCNLGYD
MVNNVCIPNECKQVTCGNGKCILDTSNPVKTGVCSCNIGKVPNVQDQNKCSKDGETKCSLKCLKEQETCKAVDGIYKCDC
KDGFIIDQESSICTGTKHHHHHH
;
E
#
# COMPACT_ATOMS: atom_id res chain seq x y z
N ASP A 1 -8.53 -16.37 -7.09
CA ASP A 1 -7.86 -15.07 -7.03
C ASP A 1 -6.41 -15.20 -7.48
N VAL A 2 -5.88 -14.12 -8.06
CA VAL A 2 -4.50 -14.11 -8.53
C VAL A 2 -3.57 -13.96 -7.34
N VAL A 3 -2.53 -14.78 -7.29
CA VAL A 3 -1.56 -14.75 -6.21
C VAL A 3 -0.34 -13.96 -6.68
N MET A 4 -0.01 -12.91 -5.95
CA MET A 4 1.13 -12.04 -6.26
C MET A 4 2.26 -12.35 -5.30
N THR A 5 3.42 -12.72 -5.84
CA THR A 5 4.56 -13.11 -5.04
C THR A 5 5.75 -12.21 -5.38
N GLN A 6 6.23 -11.48 -4.39
CA GLN A 6 7.39 -10.62 -4.55
C GLN A 6 8.63 -11.28 -3.94
N SER A 7 9.79 -10.92 -4.50
CA SER A 7 11.06 -11.45 -4.04
C SER A 7 12.13 -10.38 -4.29
N PRO A 8 12.99 -10.10 -3.29
CA PRO A 8 12.96 -10.76 -1.98
C PRO A 8 12.00 -10.06 -1.02
N LEU A 9 11.77 -10.68 0.14
CA LEU A 9 10.94 -10.02 1.16
C LEU A 9 11.61 -8.78 1.70
N SER A 10 12.92 -8.85 1.94
CA SER A 10 13.72 -7.71 2.36
C SER A 10 14.89 -7.56 1.41
N LEU A 11 15.14 -6.34 0.95
CA LEU A 11 16.18 -6.07 -0.03
C LEU A 11 17.17 -5.05 0.52
N PRO A 12 18.31 -5.49 1.06
CA PRO A 12 19.35 -4.52 1.47
C PRO A 12 20.06 -3.94 0.27
N VAL A 13 20.13 -2.61 0.21
CA VAL A 13 20.73 -1.91 -0.91
C VAL A 13 21.77 -0.92 -0.39
N THR A 14 22.72 -0.58 -1.26
CA THR A 14 23.72 0.42 -0.98
C THR A 14 23.38 1.70 -1.73
N LEU A 15 23.50 2.84 -1.04
CA LEU A 15 23.11 4.12 -1.62
C LEU A 15 23.95 4.43 -2.85
N GLY A 16 23.29 4.68 -3.97
CA GLY A 16 23.94 4.92 -5.23
C GLY A 16 24.08 3.71 -6.12
N GLN A 17 23.76 2.51 -5.60
CA GLN A 17 23.84 1.26 -6.34
C GLN A 17 22.48 0.88 -6.90
N PRO A 18 22.45 0.18 -8.04
CA PRO A 18 21.18 -0.25 -8.60
C PRO A 18 20.47 -1.27 -7.71
N ALA A 19 19.18 -1.43 -7.95
CA ALA A 19 18.36 -2.38 -7.23
C ALA A 19 17.18 -2.80 -8.10
N SER A 20 16.67 -4.00 -7.84
CA SER A 20 15.56 -4.53 -8.61
C SER A 20 14.69 -5.38 -7.70
N ILE A 21 13.37 -5.29 -7.88
CA ILE A 21 12.40 -6.06 -7.13
C ILE A 21 11.60 -6.91 -8.11
N SER A 22 11.41 -8.19 -7.77
CA SER A 22 10.70 -9.12 -8.62
C SER A 22 9.25 -9.25 -8.17
N CYS A 23 8.36 -9.46 -9.13
CA CYS A 23 6.94 -9.65 -8.87
C CYS A 23 6.41 -10.68 -9.86
N ARG A 24 5.84 -11.76 -9.35
CA ARG A 24 5.33 -12.86 -10.15
C ARG A 24 3.85 -13.06 -9.88
N SER A 25 3.09 -13.31 -10.94
CA SER A 25 1.65 -13.53 -10.84
C SER A 25 1.34 -15.01 -11.04
N SER A 26 0.26 -15.46 -10.39
CA SER A 26 -0.16 -16.85 -10.54
C SER A 26 -0.77 -17.13 -11.90
N GLN A 27 -1.34 -16.12 -12.56
CA GLN A 27 -1.89 -16.26 -13.90
C GLN A 27 -1.34 -15.15 -14.78
N SER A 28 -1.47 -15.34 -16.09
CA SER A 28 -1.07 -14.31 -17.04
C SER A 28 -1.86 -13.02 -16.78
N LEU A 29 -1.17 -11.89 -16.82
CA LEU A 29 -1.79 -10.60 -16.59
C LEU A 29 -2.16 -9.89 -17.88
N VAL A 30 -2.03 -10.55 -19.03
CA VAL A 30 -2.43 -9.92 -20.28
C VAL A 30 -3.96 -9.88 -20.33
N TYR A 31 -4.52 -8.68 -20.40
CA TYR A 31 -5.96 -8.49 -20.36
C TYR A 31 -6.56 -8.79 -21.74
N SER A 32 -7.90 -8.77 -21.78
CA SER A 32 -8.62 -9.07 -23.01
C SER A 32 -8.34 -8.06 -24.12
N ASP A 33 -7.82 -6.89 -23.78
CA ASP A 33 -7.51 -5.87 -24.76
C ASP A 33 -6.03 -5.86 -25.18
N GLY A 34 -5.23 -6.76 -24.63
CA GLY A 34 -3.81 -6.82 -24.94
C GLY A 34 -2.92 -6.13 -23.95
N ASN A 35 -3.48 -5.41 -22.98
CA ASN A 35 -2.72 -4.73 -21.96
C ASN A 35 -2.50 -5.64 -20.75
N THR A 36 -1.57 -5.24 -19.89
CA THR A 36 -1.11 -6.09 -18.80
C THR A 36 -1.58 -5.65 -17.42
N TYR A 37 -1.61 -4.35 -17.15
CA TYR A 37 -2.18 -3.81 -15.91
C TYR A 37 -1.42 -4.28 -14.67
N LEU A 38 -0.14 -3.92 -14.58
CA LEU A 38 0.66 -4.23 -13.39
C LEU A 38 1.20 -2.94 -12.79
N ASN A 39 0.62 -2.53 -11.67
CA ASN A 39 1.00 -1.28 -11.03
C ASN A 39 2.01 -1.53 -9.92
N TRP A 40 2.91 -0.56 -9.74
CA TRP A 40 3.90 -0.57 -8.67
C TRP A 40 3.62 0.57 -7.72
N PHE A 41 3.62 0.28 -6.42
CA PHE A 41 3.36 1.26 -5.40
C PHE A 41 4.55 1.37 -4.45
N GLN A 42 4.74 2.58 -3.91
CA GLN A 42 5.76 2.85 -2.92
C GLN A 42 5.08 3.35 -1.66
N GLN A 43 5.41 2.75 -0.52
CA GLN A 43 4.83 3.13 0.76
C GLN A 43 5.96 3.45 1.74
N GLY A 44 6.20 4.74 1.96
CA GLY A 44 7.16 5.18 2.94
C GLY A 44 6.72 4.83 4.34
N PRO A 45 7.65 4.90 5.30
CA PRO A 45 7.31 4.56 6.69
C PRO A 45 6.31 5.57 7.26
N GLY A 46 5.16 5.07 7.70
CA GLY A 46 4.13 5.93 8.23
C GLY A 46 3.43 6.79 7.21
N GLN A 47 3.54 6.45 5.93
CA GLN A 47 2.92 7.22 4.86
C GLN A 47 1.95 6.35 4.08
N SER A 48 1.17 7.00 3.23
CA SER A 48 0.27 6.29 2.35
C SER A 48 1.01 5.80 1.10
N PRO A 49 0.57 4.70 0.51
CA PRO A 49 1.20 4.23 -0.73
C PRO A 49 0.96 5.22 -1.87
N ARG A 50 1.98 5.37 -2.72
CA ARG A 50 1.86 6.16 -3.93
C ARG A 50 2.28 5.31 -5.12
N ARG A 51 1.53 5.41 -6.21
CA ARG A 51 1.74 4.56 -7.38
C ARG A 51 2.86 5.13 -8.23
N LEU A 52 3.96 4.39 -8.34
CA LEU A 52 5.08 4.82 -9.15
C LEU A 52 4.90 4.45 -10.61
N ILE A 53 4.46 3.23 -10.88
CA ILE A 53 4.34 2.70 -12.23
C ILE A 53 2.89 2.30 -12.48
N TYR A 54 2.38 2.65 -13.66
CA TYR A 54 1.04 2.24 -14.06
C TYR A 54 1.12 1.50 -15.40
N LYS A 55 0.14 0.62 -15.61
CA LYS A 55 0.08 -0.27 -16.78
C LYS A 55 1.36 -1.11 -16.80
N VAL A 56 2.16 -1.08 -17.85
CA VAL A 56 3.32 -1.95 -17.93
C VAL A 56 4.57 -1.23 -17.42
N SER A 57 5.11 -0.34 -18.25
CA SER A 57 6.35 0.36 -17.94
C SER A 57 6.14 1.87 -17.81
N ASN A 58 4.90 2.32 -17.69
CA ASN A 58 4.60 3.74 -17.70
C ASN A 58 4.74 4.32 -16.29
N ARG A 59 5.41 5.47 -16.19
CA ARG A 59 5.59 6.15 -14.92
C ARG A 59 4.49 7.19 -14.70
N ASP A 60 3.99 7.26 -13.47
CA ASP A 60 3.05 8.31 -13.11
C ASP A 60 3.78 9.66 -13.05
N SER A 61 2.98 10.72 -12.95
CA SER A 61 3.54 12.06 -12.90
C SER A 61 4.28 12.29 -11.58
N GLY A 62 5.46 12.89 -11.68
CA GLY A 62 6.25 13.19 -10.50
C GLY A 62 7.15 12.07 -10.02
N VAL A 63 7.27 10.98 -10.76
CA VAL A 63 8.14 9.87 -10.38
C VAL A 63 9.50 10.07 -11.03
N PRO A 64 10.58 9.99 -10.26
CA PRO A 64 11.92 10.24 -10.83
C PRO A 64 12.28 9.22 -11.91
N ASP A 65 13.29 9.59 -12.71
CA ASP A 65 13.73 8.75 -13.80
C ASP A 65 14.41 7.46 -13.33
N ARG A 66 14.92 7.44 -12.11
CA ARG A 66 15.63 6.25 -11.64
C ARG A 66 14.71 5.04 -11.49
N PHE A 67 13.42 5.27 -11.32
CA PHE A 67 12.45 4.18 -11.24
C PHE A 67 12.03 3.75 -12.65
N SER A 68 11.96 2.44 -12.86
CA SER A 68 11.59 1.90 -14.16
C SER A 68 10.97 0.53 -13.97
N GLY A 69 9.95 0.23 -14.76
CA GLY A 69 9.30 -1.06 -14.73
C GLY A 69 9.47 -1.79 -16.04
N SER A 70 9.51 -3.12 -15.97
CA SER A 70 9.63 -3.96 -17.15
C SER A 70 9.05 -5.33 -16.84
N GLY A 71 9.06 -6.20 -17.84
CA GLY A 71 8.52 -7.54 -17.71
C GLY A 71 7.28 -7.73 -18.56
N SER A 72 6.79 -8.96 -18.56
CA SER A 72 5.63 -9.32 -19.37
C SER A 72 5.05 -10.64 -18.86
N GLY A 73 3.78 -10.86 -19.16
CA GLY A 73 3.12 -12.10 -18.81
C GLY A 73 2.93 -12.29 -17.33
N THR A 74 3.81 -13.07 -16.70
CA THR A 74 3.74 -13.35 -15.27
C THR A 74 4.99 -12.94 -14.51
N ASP A 75 5.99 -12.39 -15.18
CA ASP A 75 7.26 -12.02 -14.56
C ASP A 75 7.52 -10.55 -14.81
N PHE A 76 7.80 -9.80 -13.75
CA PHE A 76 7.98 -8.36 -13.85
C PHE A 76 9.08 -7.91 -12.90
N THR A 77 9.66 -6.74 -13.20
CA THR A 77 10.80 -6.23 -12.46
C THR A 77 10.73 -4.72 -12.36
N LEU A 78 10.86 -4.20 -11.14
CA LEU A 78 10.98 -2.77 -10.89
C LEU A 78 12.44 -2.46 -10.56
N LYS A 79 13.08 -1.67 -11.42
CA LYS A 79 14.50 -1.37 -11.30
C LYS A 79 14.70 0.08 -10.85
N ILE A 80 15.70 0.29 -10.00
CA ILE A 80 16.11 1.61 -9.55
C ILE A 80 17.57 1.79 -9.95
N SER A 81 17.82 2.75 -10.85
CA SER A 81 19.16 2.92 -11.39
C SER A 81 20.13 3.41 -10.33
N ARG A 82 19.70 4.34 -9.47
CA ARG A 82 20.57 4.88 -8.43
C ARG A 82 19.70 5.15 -7.21
N VAL A 83 19.81 4.27 -6.21
CA VAL A 83 18.96 4.37 -5.02
C VAL A 83 19.33 5.62 -4.24
N GLU A 84 18.31 6.38 -3.84
CA GLU A 84 18.48 7.54 -2.97
C GLU A 84 17.88 7.24 -1.60
N ALA A 85 18.16 8.14 -0.64
CA ALA A 85 17.82 7.89 0.75
C ALA A 85 16.31 7.75 0.95
N GLU A 86 15.52 8.58 0.27
CA GLU A 86 14.07 8.52 0.44
C GLU A 86 13.44 7.31 -0.20
N ASP A 87 14.21 6.44 -0.87
CA ASP A 87 13.65 5.26 -1.50
C ASP A 87 13.41 4.12 -0.52
N VAL A 88 13.86 4.25 0.73
CA VAL A 88 13.60 3.21 1.72
C VAL A 88 12.10 3.14 1.98
N GLY A 89 11.63 1.93 2.25
CA GLY A 89 10.22 1.69 2.46
C GLY A 89 9.85 0.32 1.93
N VAL A 90 8.54 0.11 1.79
CA VAL A 90 8.00 -1.15 1.32
C VAL A 90 7.37 -0.93 -0.05
N TYR A 91 7.66 -1.81 -0.99
CA TYR A 91 7.19 -1.70 -2.36
C TYR A 91 6.22 -2.84 -2.66
N TYR A 92 5.04 -2.49 -3.17
CA TYR A 92 4.03 -3.47 -3.51
C TYR A 92 3.76 -3.43 -5.01
N CYS A 93 3.52 -4.60 -5.58
CA CYS A 93 3.00 -4.71 -6.93
C CYS A 93 1.54 -5.16 -6.86
N MET A 94 0.72 -4.59 -7.73
CA MET A 94 -0.71 -4.86 -7.73
C MET A 94 -1.16 -5.11 -9.16
N GLN A 95 -2.10 -6.04 -9.32
CA GLN A 95 -2.68 -6.35 -10.62
C GLN A 95 -4.12 -5.87 -10.68
N ALA A 96 -4.53 -5.38 -11.85
CA ALA A 96 -5.91 -5.02 -12.12
C ALA A 96 -6.48 -5.75 -13.32
N THR A 97 -5.70 -6.63 -13.96
CA THR A 97 -6.18 -7.37 -15.12
C THR A 97 -7.37 -8.25 -14.76
N HIS A 98 -7.24 -9.01 -13.68
CA HIS A 98 -8.28 -9.93 -13.24
C HIS A 98 -8.96 -9.38 -12.00
N TRP A 99 -10.27 -9.42 -11.98
CA TRP A 99 -11.02 -9.03 -10.79
C TRP A 99 -11.10 -10.20 -9.82
N PRO A 100 -10.89 -9.96 -8.51
CA PRO A 100 -10.62 -8.64 -7.94
C PRO A 100 -9.14 -8.26 -7.94
N LEU A 101 -8.86 -7.02 -7.54
CA LEU A 101 -7.49 -6.56 -7.43
C LEU A 101 -6.79 -7.28 -6.28
N THR A 102 -5.52 -7.62 -6.49
CA THR A 102 -4.70 -8.25 -5.47
C THR A 102 -3.34 -7.58 -5.45
N PHE A 103 -2.78 -7.45 -4.24
CA PHE A 103 -1.47 -6.85 -4.04
C PHE A 103 -0.42 -7.92 -3.78
N GLY A 104 0.84 -7.54 -3.99
CA GLY A 104 1.94 -8.40 -3.60
C GLY A 104 2.18 -8.38 -2.11
N GLY A 105 2.97 -9.35 -1.64
CA GLY A 105 3.28 -9.43 -0.23
C GLY A 105 4.08 -8.25 0.31
N GLY A 106 4.79 -7.55 -0.57
CA GLY A 106 5.60 -6.43 -0.17
C GLY A 106 7.08 -6.77 -0.20
N THR A 107 7.90 -5.74 -0.38
CA THR A 107 9.36 -5.88 -0.39
C THR A 107 9.94 -4.69 0.36
N LYS A 108 10.55 -4.96 1.51
CA LYS A 108 11.11 -3.92 2.37
C LYS A 108 12.54 -3.60 1.93
N VAL A 109 12.75 -2.36 1.51
CA VAL A 109 14.08 -1.89 1.11
C VAL A 109 14.78 -1.31 2.34
N GLU A 110 15.97 -1.83 2.64
CA GLU A 110 16.76 -1.36 3.77
C GLU A 110 18.16 -1.01 3.29
N ILE A 111 18.91 -0.36 4.18
CA ILE A 111 20.28 0.04 3.90
C ILE A 111 21.21 -1.10 4.27
N LYS A 112 22.07 -1.50 3.34
CA LYS A 112 23.03 -2.56 3.58
C LYS A 112 24.28 -2.02 4.26
N ARG A 113 24.75 -2.72 5.29
CA ARG A 113 25.98 -2.37 5.97
C ARG A 113 26.63 -3.65 6.49
N THR A 114 27.74 -3.48 7.19
CA THR A 114 28.48 -4.62 7.72
C THR A 114 27.70 -5.28 8.85
N VAL A 115 27.99 -6.57 9.07
CA VAL A 115 27.30 -7.33 10.12
C VAL A 115 27.76 -6.83 11.48
N ALA A 116 26.80 -6.62 12.38
CA ALA A 116 27.08 -6.17 13.73
C ALA A 116 26.40 -7.10 14.72
N ALA A 117 27.18 -7.62 15.67
CA ALA A 117 26.61 -8.48 16.70
C ALA A 117 25.76 -7.65 17.66
N PRO A 118 24.63 -8.18 18.11
CA PRO A 118 23.80 -7.43 19.05
C PRO A 118 24.39 -7.43 20.46
N SER A 119 24.18 -6.31 21.14
CA SER A 119 24.53 -6.20 22.56
C SER A 119 23.31 -6.62 23.38
N VAL A 120 23.45 -7.73 24.11
CA VAL A 120 22.33 -8.35 24.82
C VAL A 120 22.36 -7.90 26.27
N PHE A 121 21.24 -7.35 26.74
CA PHE A 121 21.07 -6.95 28.13
C PHE A 121 19.73 -7.47 28.63
N ILE A 122 19.68 -7.82 29.90
CA ILE A 122 18.48 -8.36 30.53
C ILE A 122 18.11 -7.49 31.72
N PHE A 123 16.82 -7.28 31.91
CA PHE A 123 16.31 -6.43 32.98
C PHE A 123 15.23 -7.17 33.76
N PRO A 124 15.45 -7.48 35.03
CA PRO A 124 14.41 -8.12 35.84
C PRO A 124 13.28 -7.14 36.13
N PRO A 125 12.11 -7.64 36.52
CA PRO A 125 11.01 -6.73 36.84
C PRO A 125 11.31 -5.88 38.05
N SER A 126 10.74 -4.67 38.07
CA SER A 126 10.96 -3.74 39.16
C SER A 126 10.12 -4.11 40.36
N ASP A 127 10.54 -3.59 41.53
CA ASP A 127 9.78 -3.83 42.75
C ASP A 127 8.42 -3.14 42.70
N GLU A 128 8.32 -2.02 41.99
CA GLU A 128 7.03 -1.33 41.86
C GLU A 128 6.03 -2.18 41.10
N GLN A 129 6.48 -2.88 40.06
CA GLN A 129 5.58 -3.72 39.28
C GLN A 129 5.19 -4.98 40.05
N LEU A 130 6.14 -5.54 40.83
CA LEU A 130 5.86 -6.74 41.59
C LEU A 130 4.82 -6.50 42.68
N LYS A 131 4.64 -5.25 43.11
CA LYS A 131 3.63 -4.92 44.11
C LYS A 131 2.21 -4.97 43.56
N SER A 132 2.04 -5.14 42.24
CA SER A 132 0.72 -5.14 41.62
C SER A 132 0.31 -6.53 41.11
N GLY A 133 1.15 -7.54 41.27
CA GLY A 133 0.80 -8.89 40.88
C GLY A 133 1.21 -9.30 39.48
N THR A 134 2.05 -8.52 38.81
CA THR A 134 2.51 -8.85 37.47
C THR A 134 4.02 -8.65 37.40
N ALA A 135 4.69 -9.49 36.63
CA ALA A 135 6.14 -9.44 36.48
C ALA A 135 6.50 -9.43 35.00
N SER A 136 7.19 -8.39 34.57
CA SER A 136 7.63 -8.24 33.18
C SER A 136 9.15 -8.22 33.14
N VAL A 137 9.73 -9.17 32.40
CA VAL A 137 11.17 -9.24 32.19
C VAL A 137 11.47 -8.82 30.77
N VAL A 138 12.43 -7.92 30.60
CA VAL A 138 12.77 -7.33 29.31
C VAL A 138 14.16 -7.81 28.89
N CYS A 139 14.27 -8.25 27.65
CA CYS A 139 15.54 -8.61 27.05
C CYS A 139 15.81 -7.68 25.87
N LEU A 140 16.98 -7.04 25.87
CA LEU A 140 17.31 -6.02 24.89
C LEU A 140 18.40 -6.52 23.96
N LEU A 141 18.17 -6.38 22.65
CA LEU A 141 19.17 -6.61 21.62
C LEU A 141 19.40 -5.27 20.93
N ASN A 142 20.61 -4.74 21.07
CA ASN A 142 20.88 -3.35 20.69
C ASN A 142 21.86 -3.29 19.53
N ASN A 143 21.55 -2.46 18.54
CA ASN A 143 22.45 -2.14 17.43
C ASN A 143 23.04 -3.37 16.77
N PHE A 144 22.25 -4.04 15.94
CA PHE A 144 22.69 -5.22 15.23
C PHE A 144 22.23 -5.15 13.78
N TYR A 145 22.80 -6.05 12.97
CA TYR A 145 22.47 -6.16 11.55
C TYR A 145 22.88 -7.55 11.11
N PRO A 146 22.06 -8.27 10.33
CA PRO A 146 20.78 -7.84 9.75
C PRO A 146 19.62 -7.79 10.74
N ARG A 147 18.42 -7.48 10.23
CA ARG A 147 17.26 -7.30 11.10
C ARG A 147 16.81 -8.61 11.73
N GLU A 148 17.01 -9.73 11.04
CA GLU A 148 16.52 -11.01 11.54
C GLU A 148 17.31 -11.45 12.76
N ALA A 149 16.60 -11.84 13.82
CA ALA A 149 17.22 -12.31 15.05
C ALA A 149 16.22 -13.16 15.82
N LYS A 150 16.69 -14.26 16.39
CA LYS A 150 15.86 -15.19 17.12
C LYS A 150 16.12 -15.03 18.62
N VAL A 151 15.04 -14.89 19.38
CA VAL A 151 15.12 -14.71 20.83
C VAL A 151 14.20 -15.73 21.49
N GLN A 152 14.69 -16.39 22.54
CA GLN A 152 13.92 -17.39 23.26
C GLN A 152 14.09 -17.17 24.76
N TRP A 153 12.97 -17.17 25.49
CA TRP A 153 12.98 -17.04 26.93
C TRP A 153 13.03 -18.42 27.58
N LYS A 154 13.86 -18.55 28.61
CA LYS A 154 14.01 -19.80 29.33
C LYS A 154 13.92 -19.53 30.82
N VAL A 155 12.94 -20.17 31.48
CA VAL A 155 12.72 -20.03 32.92
C VAL A 155 12.97 -21.38 33.55
N ASP A 156 14.05 -21.50 34.32
CA ASP A 156 14.48 -22.78 34.89
C ASP A 156 14.64 -23.82 33.79
N ASN A 157 15.37 -23.43 32.74
CA ASN A 157 15.66 -24.27 31.57
C ASN A 157 14.39 -24.72 30.85
N ALA A 158 13.27 -24.04 31.07
CA ALA A 158 12.01 -24.35 30.39
C ALA A 158 11.72 -23.24 29.39
N LEU A 159 11.58 -23.62 28.12
CA LEU A 159 11.33 -22.65 27.06
C LEU A 159 9.94 -22.06 27.19
N GLN A 160 9.85 -20.74 27.11
CA GLN A 160 8.58 -20.04 27.19
C GLN A 160 7.98 -19.84 25.81
N SER A 161 6.65 -19.85 25.75
CA SER A 161 5.94 -19.70 24.49
C SER A 161 4.59 -19.04 24.76
N GLY A 162 4.20 -18.11 23.90
CA GLY A 162 2.94 -17.42 24.03
C GLY A 162 2.88 -16.39 25.12
N ASN A 163 3.96 -16.18 25.88
CA ASN A 163 3.99 -15.20 26.95
C ASN A 163 5.10 -14.16 26.75
N SER A 164 5.56 -13.99 25.51
CA SER A 164 6.67 -13.08 25.22
C SER A 164 6.36 -12.33 23.94
N GLN A 165 6.14 -11.02 24.05
CA GLN A 165 5.95 -10.16 22.89
C GLN A 165 7.28 -9.54 22.49
N GLU A 166 7.37 -9.17 21.21
CA GLU A 166 8.58 -8.58 20.66
C GLU A 166 8.23 -7.34 19.85
N SER A 167 9.22 -6.47 19.68
CA SER A 167 9.10 -5.31 18.81
C SER A 167 10.50 -4.90 18.37
N VAL A 168 10.59 -4.39 17.15
CA VAL A 168 11.86 -4.03 16.55
C VAL A 168 11.78 -2.58 16.07
N THR A 169 12.83 -1.82 16.33
CA THR A 169 12.89 -0.45 15.85
C THR A 169 13.13 -0.42 14.35
N GLU A 170 12.75 0.69 13.72
CA GLU A 170 13.09 0.88 12.32
C GLU A 170 14.60 1.07 12.18
N GLN A 171 15.07 0.93 10.94
CA GLN A 171 16.49 1.08 10.67
C GLN A 171 16.93 2.49 10.99
N ASP A 172 17.88 2.62 11.91
CA ASP A 172 18.33 3.94 12.34
C ASP A 172 18.96 4.70 11.18
N SER A 173 18.65 5.99 11.09
CA SER A 173 19.22 6.82 10.04
C SER A 173 20.70 7.11 10.26
N LYS A 174 21.19 6.92 11.49
CA LYS A 174 22.57 7.24 11.82
C LYS A 174 23.51 6.07 11.53
N ASP A 175 23.29 4.94 12.18
CA ASP A 175 24.19 3.79 12.07
C ASP A 175 23.61 2.63 11.29
N SER A 176 22.38 2.75 10.79
CA SER A 176 21.74 1.73 9.96
C SER A 176 21.65 0.37 10.67
N THR A 177 21.50 0.41 11.98
CA THR A 177 21.37 -0.81 12.78
C THR A 177 19.93 -0.94 13.27
N TYR A 178 19.65 -2.10 13.87
CA TYR A 178 18.33 -2.40 14.42
C TYR A 178 18.45 -2.70 15.90
N SER A 179 17.32 -2.63 16.60
CA SER A 179 17.25 -2.97 18.01
C SER A 179 15.95 -3.69 18.29
N LEU A 180 16.02 -4.70 19.16
CA LEU A 180 14.87 -5.55 19.47
C LEU A 180 14.59 -5.55 20.96
N SER A 181 13.31 -5.57 21.30
CA SER A 181 12.85 -5.62 22.68
C SER A 181 11.87 -6.78 22.84
N SER A 182 12.11 -7.63 23.84
CA SER A 182 11.24 -8.76 24.13
C SER A 182 10.76 -8.66 25.57
N THR A 183 9.45 -8.75 25.76
CA THR A 183 8.82 -8.59 27.07
C THR A 183 8.14 -9.89 27.46
N LEU A 184 8.60 -10.51 28.54
CA LEU A 184 8.01 -11.72 29.09
C LEU A 184 7.13 -11.35 30.28
N THR A 185 5.83 -11.61 30.17
CA THR A 185 4.87 -11.26 31.20
C THR A 185 4.32 -12.52 31.85
N LEU A 186 4.41 -12.57 33.19
CA LEU A 186 3.92 -13.71 33.96
C LEU A 186 3.27 -13.21 35.24
N SER A 187 2.39 -14.03 35.80
CA SER A 187 1.74 -13.69 37.04
C SER A 187 2.74 -13.65 38.19
N LYS A 188 2.35 -12.98 39.27
CA LYS A 188 3.21 -12.91 40.45
C LYS A 188 3.51 -14.30 41.00
N ALA A 189 2.47 -15.12 41.17
CA ALA A 189 2.65 -16.46 41.72
C ALA A 189 3.56 -17.30 40.83
N ASP A 190 3.38 -17.21 39.51
CA ASP A 190 4.24 -17.96 38.60
C ASP A 190 5.67 -17.43 38.64
N TYR A 191 5.84 -16.11 38.79
CA TYR A 191 7.17 -15.53 38.85
C TYR A 191 7.87 -15.90 40.14
N GLU A 192 7.13 -15.97 41.25
CA GLU A 192 7.68 -16.32 42.54
C GLU A 192 8.00 -17.80 42.68
N LYS A 193 7.52 -18.63 41.77
CA LYS A 193 7.72 -20.07 41.84
C LYS A 193 9.00 -20.54 41.16
N HIS A 194 9.76 -19.62 40.55
CA HIS A 194 10.97 -19.97 39.83
C HIS A 194 12.11 -19.07 40.30
N LYS A 195 13.33 -19.41 39.87
CA LYS A 195 14.52 -18.71 40.30
C LYS A 195 15.28 -18.08 39.14
N VAL A 196 15.76 -18.88 38.19
CA VAL A 196 16.62 -18.39 37.11
C VAL A 196 15.76 -18.02 35.91
N TYR A 197 15.99 -16.83 35.38
CA TYR A 197 15.31 -16.33 34.19
C TYR A 197 16.36 -15.93 33.17
N ALA A 198 16.36 -16.59 32.01
CA ALA A 198 17.39 -16.41 31.01
C ALA A 198 16.80 -16.00 29.67
N CYS A 199 17.63 -15.34 28.86
CA CYS A 199 17.24 -14.89 27.53
C CYS A 199 18.32 -15.33 26.54
N GLU A 200 17.91 -16.13 25.56
CA GLU A 200 18.84 -16.67 24.56
C GLU A 200 18.68 -15.91 23.25
N VAL A 201 19.82 -15.55 22.65
CA VAL A 201 19.86 -14.73 21.43
C VAL A 201 20.66 -15.46 20.37
N THR A 202 20.10 -15.56 19.17
CA THR A 202 20.78 -16.14 18.01
C THR A 202 20.82 -15.12 16.90
N HIS A 203 22.00 -14.95 16.29
CA HIS A 203 22.19 -13.92 15.28
C HIS A 203 23.50 -14.23 14.54
N GLN A 204 23.67 -13.61 13.37
CA GLN A 204 24.86 -13.84 12.58
C GLN A 204 26.11 -13.32 13.27
N GLY A 205 26.00 -12.19 13.97
CA GLY A 205 27.14 -11.62 14.67
C GLY A 205 27.67 -12.46 15.81
N LEU A 206 26.96 -13.51 16.20
CA LEU A 206 27.35 -14.38 17.30
C LEU A 206 27.59 -15.77 16.75
N SER A 207 28.82 -16.26 16.88
CA SER A 207 29.14 -17.61 16.46
C SER A 207 28.41 -18.65 17.31
N SER A 208 28.08 -18.30 18.54
CA SER A 208 27.33 -19.14 19.45
C SER A 208 26.22 -18.33 20.08
N PRO A 209 25.13 -18.97 20.49
CA PRO A 209 24.02 -18.23 21.14
C PRO A 209 24.47 -17.60 22.45
N VAL A 210 23.98 -16.40 22.70
CA VAL A 210 24.32 -15.63 23.89
C VAL A 210 23.17 -15.74 24.88
N THR A 211 23.49 -16.06 26.14
CA THR A 211 22.50 -16.21 27.19
C THR A 211 22.80 -15.22 28.31
N LYS A 212 21.80 -14.41 28.65
CA LYS A 212 21.88 -13.49 29.78
C LYS A 212 20.81 -13.89 30.79
N SER A 213 21.22 -14.10 32.04
CA SER A 213 20.32 -14.60 33.07
C SER A 213 20.53 -13.83 34.36
N PHE A 214 19.52 -13.91 35.24
CA PHE A 214 19.60 -13.30 36.56
C PHE A 214 18.92 -14.23 37.56
N ASN A 215 19.25 -14.02 38.83
CA ASN A 215 18.61 -14.73 39.93
C ASN A 215 17.48 -13.90 40.49
N ARG A 216 16.47 -14.59 41.04
CA ARG A 216 15.29 -13.89 41.54
C ARG A 216 15.62 -12.92 42.65
N GLY A 217 16.62 -13.26 43.47
CA GLY A 217 17.04 -12.38 44.55
C GLY A 217 18.48 -11.90 44.41
N GLN B 1 -6.29 18.54 -8.84
CA GLN B 1 -5.41 18.12 -7.75
C GLN B 1 -5.81 16.74 -7.25
N VAL B 2 -7.00 16.30 -7.66
CA VAL B 2 -7.58 14.99 -7.36
C VAL B 2 -7.22 14.51 -5.95
N GLN B 3 -7.32 15.41 -4.98
CA GLN B 3 -6.90 15.10 -3.62
C GLN B 3 -8.00 14.37 -2.86
N LEU B 4 -7.58 13.50 -1.95
CA LEU B 4 -8.49 12.73 -1.09
C LEU B 4 -8.14 13.01 0.36
N VAL B 5 -9.14 13.43 1.14
CA VAL B 5 -8.98 13.72 2.56
C VAL B 5 -9.86 12.77 3.34
N GLN B 6 -9.26 12.00 4.25
CA GLN B 6 -9.98 11.02 5.04
C GLN B 6 -10.22 11.56 6.45
N SER B 7 -11.13 10.90 7.16
CA SER B 7 -11.51 11.32 8.50
C SER B 7 -10.45 10.91 9.52
N GLY B 8 -10.62 11.43 10.73
CA GLY B 8 -9.68 11.16 11.80
C GLY B 8 -9.76 9.72 12.30
N ALA B 9 -8.89 9.42 13.25
CA ALA B 9 -8.81 8.08 13.80
C ALA B 9 -10.04 7.78 14.66
N GLU B 10 -10.44 6.50 14.65
CA GLU B 10 -11.61 6.05 15.38
C GLU B 10 -11.23 4.87 16.28
N VAL B 11 -11.87 4.81 17.44
CA VAL B 11 -11.70 3.71 18.39
C VAL B 11 -13.08 3.12 18.67
N LYS B 12 -13.21 1.82 18.47
CA LYS B 12 -14.48 1.13 18.64
C LYS B 12 -14.30 -0.09 19.53
N LYS B 13 -15.40 -0.52 20.15
CA LYS B 13 -15.46 -1.73 20.96
C LYS B 13 -15.76 -2.94 20.07
N PRO B 14 -15.31 -4.13 20.46
CA PRO B 14 -15.60 -5.32 19.65
C PRO B 14 -17.09 -5.56 19.51
N GLY B 15 -17.50 -5.87 18.28
CA GLY B 15 -18.90 -6.05 17.96
C GLY B 15 -19.62 -4.81 17.48
N ALA B 16 -19.01 -3.63 17.60
CA ALA B 16 -19.62 -2.38 17.19
C ALA B 16 -19.33 -2.14 15.70
N SER B 17 -19.73 -0.96 15.21
CA SER B 17 -19.51 -0.58 13.83
C SER B 17 -18.79 0.76 13.79
N VAL B 18 -18.18 1.04 12.63
CA VAL B 18 -17.44 2.28 12.43
C VAL B 18 -17.74 2.81 11.04
N LYS B 19 -17.81 4.13 10.91
CA LYS B 19 -18.05 4.80 9.64
C LYS B 19 -16.87 5.70 9.33
N VAL B 20 -16.30 5.53 8.14
CA VAL B 20 -15.11 6.28 7.72
C VAL B 20 -15.45 7.03 6.44
N SER B 21 -15.12 8.32 6.42
CA SER B 21 -15.39 9.17 5.27
C SER B 21 -14.10 9.46 4.51
N CYS B 22 -14.27 9.94 3.27
CA CYS B 22 -13.13 10.28 2.41
C CYS B 22 -13.63 11.31 1.40
N ARG B 23 -13.29 12.57 1.62
CA ARG B 23 -13.81 13.66 0.81
C ARG B 23 -12.92 13.86 -0.42
N ALA B 24 -13.50 13.71 -1.60
CA ALA B 24 -12.78 13.89 -2.84
C ALA B 24 -12.85 15.34 -3.29
N SER B 25 -11.79 15.80 -3.93
CA SER B 25 -11.71 17.18 -4.42
C SER B 25 -10.73 17.23 -5.57
N GLY B 26 -10.95 18.17 -6.48
CA GLY B 26 -10.05 18.40 -7.59
C GLY B 26 -10.45 17.77 -8.91
N TYR B 27 -11.53 16.99 -8.95
CA TYR B 27 -11.97 16.35 -10.17
C TYR B 27 -13.47 16.12 -10.11
N ILE B 28 -14.03 15.58 -11.19
CA ILE B 28 -15.46 15.30 -11.26
C ILE B 28 -15.74 14.05 -10.45
N PHE B 29 -16.38 14.23 -9.29
CA PHE B 29 -16.57 13.12 -8.35
C PHE B 29 -17.34 11.97 -8.98
N THR B 30 -18.41 12.28 -9.72
CA THR B 30 -19.31 11.27 -10.25
C THR B 30 -18.75 10.54 -11.47
N SER B 31 -17.54 10.88 -11.92
CA SER B 31 -16.98 10.25 -13.11
C SER B 31 -16.08 9.05 -12.79
N TYR B 32 -15.84 8.73 -11.52
CA TYR B 32 -14.92 7.67 -11.14
C TYR B 32 -15.50 6.87 -9.97
N GLY B 33 -14.71 5.89 -9.51
CA GLY B 33 -15.11 5.05 -8.41
C GLY B 33 -14.09 5.03 -7.28
N PHE B 34 -14.34 4.24 -6.24
CA PHE B 34 -13.43 4.19 -5.11
C PHE B 34 -13.18 2.74 -4.69
N SER B 35 -11.99 2.50 -4.15
CA SER B 35 -11.65 1.23 -3.54
C SER B 35 -11.01 1.49 -2.19
N TRP B 36 -11.34 0.63 -1.23
CA TRP B 36 -10.85 0.74 0.14
C TRP B 36 -9.83 -0.35 0.42
N VAL B 37 -8.67 0.04 0.93
CA VAL B 37 -7.59 -0.89 1.24
C VAL B 37 -7.16 -0.65 2.68
N ARG B 38 -7.11 -1.71 3.47
CA ARG B 38 -6.62 -1.63 4.84
C ARG B 38 -5.28 -2.34 4.95
N GLN B 39 -4.55 -2.02 6.03
CA GLN B 39 -3.20 -2.53 6.22
C GLN B 39 -3.00 -2.80 7.71
N ALA B 40 -2.96 -4.08 8.07
CA ALA B 40 -2.72 -4.47 9.45
C ALA B 40 -1.34 -3.99 9.90
N PRO B 41 -1.15 -3.81 11.21
CA PRO B 41 0.16 -3.35 11.70
C PRO B 41 1.29 -4.26 11.26
N GLY B 42 2.30 -3.67 10.62
CA GLY B 42 3.44 -4.43 10.16
C GLY B 42 3.17 -5.38 9.03
N GLN B 43 1.96 -5.36 8.46
CA GLN B 43 1.58 -6.26 7.39
C GLN B 43 1.34 -5.48 6.11
N GLY B 44 0.93 -6.20 5.06
CA GLY B 44 0.76 -5.62 3.75
C GLY B 44 -0.64 -5.06 3.52
N LEU B 45 -0.89 -4.66 2.28
CA LEU B 45 -2.16 -4.08 1.89
C LEU B 45 -3.16 -5.17 1.57
N GLU B 46 -4.43 -4.89 1.86
CA GLU B 46 -5.51 -5.85 1.63
C GLU B 46 -6.69 -5.13 1.00
N TRP B 47 -7.10 -5.58 -0.17
CA TRP B 47 -8.24 -5.00 -0.86
C TRP B 47 -9.54 -5.39 -0.14
N MET B 48 -10.33 -4.38 0.22
CA MET B 48 -11.59 -4.60 0.92
C MET B 48 -12.80 -4.61 0.00
N GLY B 49 -12.84 -3.72 -0.99
CA GLY B 49 -13.97 -3.66 -1.88
C GLY B 49 -13.86 -2.48 -2.82
N TRP B 50 -14.92 -2.31 -3.61
CA TRP B 50 -14.98 -1.24 -4.60
C TRP B 50 -16.42 -0.81 -4.79
N ILE B 51 -16.61 0.50 -4.95
CA ILE B 51 -17.94 1.08 -5.19
C ILE B 51 -17.81 2.14 -6.27
N SER B 52 -18.82 2.23 -7.13
CA SER B 52 -18.83 3.17 -8.24
C SER B 52 -19.61 4.41 -7.83
N ALA B 53 -18.94 5.57 -7.85
CA ALA B 53 -19.66 6.82 -7.68
C ALA B 53 -20.41 7.23 -8.94
N TYR B 54 -20.24 6.48 -10.04
CA TYR B 54 -20.92 6.75 -11.30
C TYR B 54 -22.22 5.96 -11.44
N ASN B 55 -22.21 4.68 -11.08
CA ASN B 55 -23.40 3.84 -11.22
C ASN B 55 -23.80 3.14 -9.93
N GLY B 56 -23.16 3.44 -8.81
CA GLY B 56 -23.53 2.83 -7.55
C GLY B 56 -23.17 1.36 -7.42
N ASN B 57 -22.46 0.79 -8.39
CA ASN B 57 -22.06 -0.61 -8.35
C ASN B 57 -21.08 -0.83 -7.20
N THR B 58 -21.52 -1.56 -6.18
CA THR B 58 -20.66 -1.94 -5.07
C THR B 58 -20.19 -3.38 -5.27
N ASP B 59 -19.05 -3.70 -4.67
CA ASP B 59 -18.48 -5.04 -4.79
C ASP B 59 -17.51 -5.25 -3.63
N TYR B 60 -17.72 -6.29 -2.85
CA TYR B 60 -16.93 -6.57 -1.67
C TYR B 60 -16.07 -7.81 -1.86
N SER B 61 -15.04 -7.92 -1.04
CA SER B 61 -14.21 -9.12 -1.05
C SER B 61 -14.97 -10.29 -0.46
N GLN B 62 -14.85 -11.45 -1.12
CA GLN B 62 -15.60 -12.63 -0.66
C GLN B 62 -15.20 -13.03 0.75
N LYS B 63 -13.93 -12.82 1.12
CA LYS B 63 -13.49 -13.16 2.47
C LYS B 63 -14.10 -12.24 3.52
N LEU B 64 -14.53 -11.05 3.14
CA LEU B 64 -15.12 -10.08 4.06
C LEU B 64 -16.41 -9.53 3.47
N GLN B 65 -17.26 -10.43 2.96
CA GLN B 65 -18.46 -10.02 2.25
C GLN B 65 -19.61 -9.66 3.19
N GLY B 66 -19.68 -10.30 4.35
CA GLY B 66 -20.83 -10.16 5.23
C GLY B 66 -20.77 -9.05 6.25
N ARG B 67 -19.76 -8.17 6.21
CA ARG B 67 -19.64 -7.14 7.23
C ARG B 67 -19.21 -5.78 6.68
N VAL B 68 -19.23 -5.59 5.36
CA VAL B 68 -18.78 -4.36 4.73
C VAL B 68 -19.96 -3.71 4.02
N THR B 69 -20.07 -2.39 4.15
CA THR B 69 -21.11 -1.62 3.48
C THR B 69 -20.52 -0.30 3.02
N MET B 70 -20.64 0.00 1.73
CA MET B 70 -20.07 1.19 1.12
C MET B 70 -21.15 2.05 0.49
N THR B 71 -21.05 3.36 0.68
CA THR B 71 -21.98 4.32 0.12
C THR B 71 -21.20 5.53 -0.39
N THR B 72 -21.83 6.29 -1.28
CA THR B 72 -21.27 7.53 -1.79
C THR B 72 -22.31 8.63 -1.69
N ASP B 73 -21.83 9.85 -1.41
CA ASP B 73 -22.68 11.04 -1.33
C ASP B 73 -22.34 11.96 -2.49
N THR B 74 -23.29 12.16 -3.40
CA THR B 74 -23.05 13.05 -4.53
C THR B 74 -23.19 14.52 -4.14
N SER B 75 -24.09 14.83 -3.21
CA SER B 75 -24.27 16.21 -2.77
C SER B 75 -22.97 16.75 -2.18
N THR B 76 -22.48 16.12 -1.12
CA THR B 76 -21.18 16.46 -0.54
C THR B 76 -20.18 15.39 -0.94
N ASN B 77 -19.14 15.79 -1.68
CA ASN B 77 -18.15 14.84 -2.18
C ASN B 77 -17.54 14.04 -1.05
N THR B 78 -17.98 12.79 -0.89
CA THR B 78 -17.53 11.93 0.19
C THR B 78 -17.91 10.49 -0.13
N VAL B 79 -16.98 9.57 0.13
CA VAL B 79 -17.24 8.14 0.04
C VAL B 79 -17.13 7.55 1.45
N TYR B 80 -18.18 6.85 1.88
CA TYR B 80 -18.25 6.31 3.23
C TYR B 80 -18.00 4.81 3.22
N MET B 81 -17.54 4.31 4.38
CA MET B 81 -17.29 2.88 4.56
C MET B 81 -17.75 2.48 5.95
N GLU B 82 -18.66 1.51 6.01
CA GLU B 82 -19.18 1.01 7.28
C GLU B 82 -18.74 -0.44 7.45
N LEU B 83 -18.07 -0.72 8.56
CA LEU B 83 -17.60 -2.06 8.90
C LEU B 83 -18.33 -2.54 10.14
N ARG B 84 -19.03 -3.66 10.01
CA ARG B 84 -19.82 -4.22 11.10
C ARG B 84 -19.09 -5.40 11.74
N THR B 85 -19.51 -5.71 12.97
CA THR B 85 -18.94 -6.80 13.77
C THR B 85 -17.41 -6.68 13.83
N LEU B 86 -16.96 -5.56 14.39
CA LEU B 86 -15.54 -5.24 14.45
C LEU B 86 -14.79 -6.26 15.31
N GLN B 87 -14.12 -7.21 14.67
CA GLN B 87 -13.30 -8.17 15.37
C GLN B 87 -11.98 -7.53 15.78
N SER B 88 -11.20 -8.27 16.57
CA SER B 88 -9.92 -7.75 17.06
C SER B 88 -8.91 -7.61 15.93
N ASP B 89 -8.95 -8.50 14.94
CA ASP B 89 -8.04 -8.45 13.82
C ASP B 89 -8.40 -7.38 12.80
N ASP B 90 -9.50 -6.66 13.00
CA ASP B 90 -9.85 -5.54 12.12
C ASP B 90 -9.03 -4.30 12.40
N THR B 91 -8.22 -4.30 13.47
CA THR B 91 -7.37 -3.16 13.78
C THR B 91 -6.34 -2.95 12.69
N ALA B 92 -6.48 -1.86 11.94
CA ALA B 92 -5.58 -1.58 10.82
C ALA B 92 -5.75 -0.13 10.40
N VAL B 93 -4.90 0.29 9.46
CA VAL B 93 -4.97 1.61 8.85
C VAL B 93 -5.72 1.48 7.54
N TYR B 94 -6.79 2.25 7.39
CA TYR B 94 -7.69 2.15 6.24
C TYR B 94 -7.42 3.30 5.27
N TYR B 95 -7.28 2.96 4.00
CA TYR B 95 -6.90 3.92 2.98
C TYR B 95 -8.03 4.12 1.98
N CYS B 96 -8.08 5.32 1.41
CA CYS B 96 -9.01 5.68 0.35
C CYS B 96 -8.26 5.70 -0.97
N ALA B 97 -8.92 5.28 -2.03
CA ALA B 97 -8.28 5.22 -3.34
C ALA B 97 -9.32 5.38 -4.44
N ARG B 98 -8.98 6.17 -5.46
CA ARG B 98 -9.87 6.41 -6.58
C ARG B 98 -9.70 5.30 -7.60
N ASP B 99 -10.79 4.63 -7.96
CA ASP B 99 -10.76 3.54 -8.92
C ASP B 99 -11.73 3.84 -10.06
N ARG B 100 -11.93 2.85 -10.94
CA ARG B 100 -12.73 3.03 -12.13
C ARG B 100 -14.21 3.14 -11.80
N GLY B 101 -14.96 3.75 -12.72
CA GLY B 101 -16.39 3.96 -12.55
C GLY B 101 -17.24 2.80 -12.97
N ASP B 102 -16.86 2.11 -14.04
CA ASP B 102 -17.54 0.90 -14.48
C ASP B 102 -16.57 -0.26 -14.46
N ARG B 103 -16.98 -1.35 -13.80
CA ARG B 103 -16.12 -2.53 -13.71
C ARG B 103 -16.19 -3.42 -14.94
N LEU B 104 -17.10 -3.14 -15.87
CA LEU B 104 -17.32 -4.00 -17.03
C LEU B 104 -16.40 -3.64 -18.19
N TYR B 105 -16.30 -2.36 -18.53
CA TYR B 105 -15.45 -1.90 -19.61
C TYR B 105 -14.21 -1.20 -19.05
N TYR B 106 -13.16 -1.17 -19.87
CA TYR B 106 -11.91 -0.51 -19.52
C TYR B 106 -11.56 0.50 -20.60
N TYR B 107 -11.26 1.73 -20.17
CA TYR B 107 -10.93 2.83 -21.07
C TYR B 107 -9.44 3.18 -20.89
N TYR B 108 -9.10 4.46 -21.07
CA TYR B 108 -7.73 4.91 -20.95
C TYR B 108 -7.43 5.50 -19.59
N TYR B 109 -8.26 5.20 -18.59
CA TYR B 109 -8.01 5.55 -17.20
C TYR B 109 -7.60 4.29 -16.43
N TYR B 110 -6.69 4.45 -15.48
CA TYR B 110 -6.16 3.35 -14.69
C TYR B 110 -6.28 3.71 -13.22
N GLY B 111 -7.10 2.97 -12.49
CA GLY B 111 -7.46 3.33 -11.14
C GLY B 111 -6.33 3.18 -10.15
N MET B 112 -6.68 3.39 -8.88
CA MET B 112 -5.73 3.34 -7.76
C MET B 112 -4.56 4.27 -7.98
N ASP B 113 -4.80 5.41 -8.63
CA ASP B 113 -3.74 6.35 -8.91
C ASP B 113 -3.52 7.34 -7.77
N VAL B 114 -4.57 7.64 -7.02
CA VAL B 114 -4.50 8.60 -5.92
C VAL B 114 -5.03 7.95 -4.65
N TRP B 115 -4.29 8.12 -3.56
CA TRP B 115 -4.62 7.52 -2.27
C TRP B 115 -4.80 8.61 -1.22
N GLY B 116 -5.72 8.35 -0.29
CA GLY B 116 -5.92 9.26 0.81
C GLY B 116 -4.82 9.16 1.85
N GLN B 117 -4.90 10.04 2.86
CA GLN B 117 -3.90 10.06 3.92
C GLN B 117 -3.96 8.79 4.77
N GLY B 118 -5.06 8.08 4.76
CA GLY B 118 -5.23 6.93 5.64
C GLY B 118 -5.89 7.30 6.95
N THR B 119 -6.59 6.33 7.52
CA THR B 119 -7.26 6.52 8.79
C THR B 119 -7.03 5.30 9.66
N THR B 120 -6.69 5.55 10.93
CA THR B 120 -6.37 4.48 11.87
C THR B 120 -7.63 4.07 12.63
N VAL B 121 -7.93 2.78 12.64
CA VAL B 121 -9.08 2.22 13.34
C VAL B 121 -8.56 1.17 14.31
N THR B 122 -8.87 1.35 15.59
CA THR B 122 -8.45 0.44 16.64
C THR B 122 -9.68 -0.19 17.29
N VAL B 123 -9.73 -1.51 17.31
CA VAL B 123 -10.85 -2.25 17.89
C VAL B 123 -10.35 -2.92 19.17
N SER B 124 -10.89 -2.50 20.30
CA SER B 124 -10.49 -3.04 21.59
C SER B 124 -11.58 -2.78 22.61
N SER B 125 -11.67 -3.65 23.61
CA SER B 125 -12.60 -3.48 24.72
C SER B 125 -12.03 -2.59 25.82
N ALA B 126 -10.79 -2.14 25.68
CA ALA B 126 -10.15 -1.36 26.72
C ALA B 126 -10.71 0.06 26.76
N SER B 127 -10.54 0.70 27.91
CA SER B 127 -10.90 2.10 28.12
C SER B 127 -9.63 2.94 28.20
N THR B 128 -9.83 4.26 28.26
CA THR B 128 -8.69 5.17 28.35
C THR B 128 -8.01 5.01 29.70
N LYS B 129 -6.71 4.72 29.68
CA LYS B 129 -5.95 4.51 30.90
C LYS B 129 -4.53 5.02 30.70
N GLY B 130 -4.00 5.69 31.72
CA GLY B 130 -2.65 6.17 31.70
C GLY B 130 -1.65 5.04 31.90
N PRO B 131 -0.44 5.23 31.40
CA PRO B 131 0.57 4.16 31.49
C PRO B 131 1.21 4.09 32.87
N SER B 132 1.75 2.91 33.16
CA SER B 132 2.61 2.71 34.32
C SER B 132 4.05 2.66 33.85
N VAL B 133 4.92 3.40 34.54
CA VAL B 133 6.31 3.56 34.14
C VAL B 133 7.19 2.93 35.21
N PHE B 134 7.92 1.88 34.83
CA PHE B 134 8.86 1.21 35.71
C PHE B 134 10.28 1.32 35.17
N PRO B 135 11.26 1.55 36.04
CA PRO B 135 12.64 1.69 35.57
C PRO B 135 13.25 0.34 35.22
N LEU B 136 14.13 0.36 34.22
CA LEU B 136 14.92 -0.80 33.82
C LEU B 136 16.37 -0.53 34.22
N ALA B 137 16.66 -0.77 35.50
CA ALA B 137 17.97 -0.41 36.04
C ALA B 137 19.04 -1.37 35.53
N PRO B 138 20.24 -0.86 35.22
CA PRO B 138 21.32 -1.74 34.76
C PRO B 138 21.97 -2.52 35.89
N SER B 139 23.10 -3.15 35.60
CA SER B 139 23.82 -3.94 36.60
C SER B 139 25.33 -3.85 36.38
N GLY B 146 32.89 -1.16 28.30
CA GLY B 146 32.53 -0.21 29.34
C GLY B 146 31.29 0.60 29.01
N THR B 147 30.28 -0.07 28.46
CA THR B 147 29.03 0.55 28.07
C THR B 147 27.88 -0.15 28.76
N ALA B 148 27.00 0.63 29.40
CA ALA B 148 25.83 0.11 30.09
C ALA B 148 24.57 0.63 29.43
N ALA B 149 23.51 -0.17 29.53
CA ALA B 149 22.21 0.17 28.95
C ALA B 149 21.16 0.25 30.06
N LEU B 150 20.27 1.23 29.93
CA LEU B 150 19.18 1.42 30.88
C LEU B 150 17.96 1.93 30.12
N GLY B 151 16.83 1.98 30.82
CA GLY B 151 15.62 2.48 30.19
C GLY B 151 14.44 2.36 31.13
N CYS B 152 13.25 2.55 30.55
CA CYS B 152 12.01 2.50 31.30
C CYS B 152 10.98 1.67 30.55
N LEU B 153 10.12 0.98 31.30
CA LEU B 153 9.06 0.16 30.75
C LEU B 153 7.74 0.91 30.88
N VAL B 154 7.06 1.11 29.76
CA VAL B 154 5.79 1.83 29.70
C VAL B 154 4.72 0.79 29.39
N LYS B 155 3.98 0.36 30.42
CA LYS B 155 3.06 -0.76 30.31
C LYS B 155 1.63 -0.34 30.61
N ASP B 156 0.69 -1.03 29.94
CA ASP B 156 -0.73 -0.92 30.23
C ASP B 156 -1.23 0.51 30.05
N TYR B 157 -1.23 0.94 28.77
CA TYR B 157 -1.79 2.22 28.38
C TYR B 157 -2.64 2.03 27.14
N PHE B 158 -3.84 2.59 27.16
CA PHE B 158 -4.74 2.52 26.04
C PHE B 158 -5.48 3.86 25.96
N PRO B 159 -5.59 4.47 24.78
CA PRO B 159 -4.99 3.95 23.54
C PRO B 159 -3.61 4.52 23.26
N GLU B 160 -3.14 4.34 22.03
CA GLU B 160 -1.88 4.88 21.57
C GLU B 160 -2.08 6.32 21.10
N PRO B 161 -0.99 7.13 21.02
CA PRO B 161 0.38 6.81 21.42
C PRO B 161 0.88 7.62 22.63
N VAL B 162 2.13 7.39 22.99
CA VAL B 162 2.82 8.20 23.99
C VAL B 162 4.09 8.75 23.35
N THR B 163 4.62 9.81 23.96
CA THR B 163 5.85 10.43 23.52
C THR B 163 6.86 10.41 24.67
N VAL B 164 8.06 9.92 24.40
CA VAL B 164 9.09 9.74 25.41
C VAL B 164 10.34 10.50 24.98
N SER B 165 10.83 11.35 25.87
CA SER B 165 12.12 12.02 25.71
C SER B 165 12.97 11.72 26.94
N TRP B 166 14.27 11.95 26.82
CA TRP B 166 15.21 11.71 27.91
C TRP B 166 15.86 13.02 28.31
N ASN B 167 15.75 13.36 29.59
CA ASN B 167 16.25 14.63 30.12
C ASN B 167 15.65 15.80 29.35
N SER B 168 14.33 15.75 29.16
CA SER B 168 13.58 16.79 28.46
C SER B 168 14.09 17.02 27.04
N GLY B 169 14.57 15.94 26.40
CA GLY B 169 15.10 16.03 25.07
C GLY B 169 16.58 16.32 24.98
N ALA B 170 17.24 16.57 26.12
CA ALA B 170 18.68 16.81 26.09
C ALA B 170 19.49 15.54 25.85
N LEU B 171 18.92 14.37 26.09
CA LEU B 171 19.56 13.09 25.82
C LEU B 171 18.86 12.43 24.65
N THR B 172 19.51 12.40 23.48
CA THR B 172 18.96 11.81 22.27
C THR B 172 19.86 10.74 21.67
N SER B 173 21.17 10.80 21.87
CA SER B 173 22.07 9.83 21.28
C SER B 173 21.87 8.48 21.96
N GLY B 174 21.74 7.44 21.15
CA GLY B 174 21.55 6.10 21.67
C GLY B 174 20.18 5.81 22.23
N VAL B 175 19.20 6.69 22.01
CA VAL B 175 17.85 6.49 22.48
C VAL B 175 17.09 5.64 21.49
N HIS B 176 16.35 4.64 21.99
CA HIS B 176 15.57 3.74 21.15
C HIS B 176 14.20 3.54 21.78
N THR B 177 13.18 4.15 21.20
CA THR B 177 11.81 3.96 21.63
C THR B 177 11.16 2.93 20.71
N PHE B 178 10.77 1.79 21.27
CA PHE B 178 10.29 0.67 20.49
C PHE B 178 8.83 0.86 20.10
N PRO B 179 8.41 0.25 18.99
CA PRO B 179 6.98 0.29 18.63
C PRO B 179 6.14 -0.45 19.66
N ALA B 180 4.95 0.08 19.93
CA ALA B 180 4.08 -0.50 20.92
C ALA B 180 3.61 -1.88 20.50
N VAL B 181 3.27 -2.71 21.49
CA VAL B 181 2.73 -4.04 21.26
C VAL B 181 1.36 -4.14 21.91
N LEU B 182 0.48 -4.90 21.27
CA LEU B 182 -0.88 -5.11 21.78
C LEU B 182 -0.88 -6.37 22.64
N GLN B 183 -1.03 -6.21 23.94
CA GLN B 183 -1.00 -7.35 24.85
C GLN B 183 -2.26 -8.19 24.67
N SER B 184 -2.24 -9.38 25.30
CA SER B 184 -3.41 -10.24 25.29
C SER B 184 -4.57 -9.59 26.04
N SER B 185 -4.27 -8.70 26.98
CA SER B 185 -5.29 -8.00 27.74
C SER B 185 -5.97 -6.89 26.95
N GLY B 186 -5.48 -6.57 25.76
CA GLY B 186 -6.01 -5.47 24.99
C GLY B 186 -5.36 -4.13 25.25
N LEU B 187 -4.40 -4.07 26.16
CA LEU B 187 -3.66 -2.85 26.46
C LEU B 187 -2.33 -2.84 25.74
N TYR B 188 -1.83 -1.64 25.49
CA TYR B 188 -0.55 -1.48 24.82
C TYR B 188 0.59 -1.46 25.84
N SER B 189 1.79 -1.77 25.34
CA SER B 189 2.99 -1.73 26.16
C SER B 189 4.15 -1.28 25.28
N LEU B 190 5.06 -0.49 25.86
CA LEU B 190 6.15 0.10 25.10
C LEU B 190 7.36 0.23 25.99
N SER B 191 8.53 0.21 25.37
CA SER B 191 9.80 0.35 26.08
C SER B 191 10.67 1.39 25.40
N SER B 192 11.44 2.11 26.21
CA SER B 192 12.41 3.08 25.72
C SER B 192 13.72 2.86 26.46
N VAL B 193 14.81 2.71 25.70
CA VAL B 193 16.12 2.41 26.28
C VAL B 193 17.13 3.41 25.77
N VAL B 194 18.24 3.51 26.50
CA VAL B 194 19.34 4.41 26.15
C VAL B 194 20.64 3.79 26.64
N THR B 195 21.71 3.97 25.87
CA THR B 195 23.03 3.45 26.22
C THR B 195 23.90 4.60 26.70
N VAL B 196 24.54 4.41 27.85
CA VAL B 196 25.42 5.42 28.44
C VAL B 196 26.73 4.75 28.83
N PRO B 197 27.78 5.53 29.04
CA PRO B 197 29.02 4.96 29.60
C PRO B 197 28.77 4.35 30.96
N SER B 198 29.19 3.10 31.13
CA SER B 198 28.91 2.33 32.33
C SER B 198 29.53 2.98 33.56
N SER B 199 30.85 2.81 33.72
CA SER B 199 31.54 3.31 34.90
C SER B 199 31.73 4.83 34.89
N SER B 200 31.37 5.51 33.81
CA SER B 200 31.57 6.94 33.70
C SER B 200 30.30 7.75 33.98
N LEU B 201 29.18 7.09 34.26
CA LEU B 201 27.91 7.77 34.52
C LEU B 201 27.26 7.15 35.75
N GLY B 202 27.90 7.35 36.90
CA GLY B 202 27.37 6.85 38.16
C GLY B 202 26.69 7.93 38.98
N THR B 203 26.80 9.18 38.50
CA THR B 203 26.20 10.31 39.19
C THR B 203 25.10 11.00 38.41
N GLN B 204 24.99 10.76 37.10
CA GLN B 204 23.99 11.44 36.30
C GLN B 204 22.60 10.87 36.61
N THR B 205 21.61 11.76 36.64
CA THR B 205 20.23 11.37 36.87
C THR B 205 19.53 11.22 35.52
N TYR B 206 18.85 10.09 35.33
CA TYR B 206 18.14 9.79 34.10
C TYR B 206 16.67 9.60 34.43
N ILE B 207 15.81 10.43 33.82
CA ILE B 207 14.37 10.40 34.05
C ILE B 207 13.69 9.90 32.78
N CYS B 208 12.61 9.13 32.96
CA CYS B 208 11.91 8.56 31.82
C CYS B 208 11.26 9.65 30.98
N ASN B 209 10.60 10.61 31.62
CA ASN B 209 9.98 11.76 30.97
C ASN B 209 9.04 11.31 29.85
N VAL B 210 7.90 10.78 30.29
CA VAL B 210 6.87 10.23 29.41
C VAL B 210 5.66 11.15 29.44
N ASN B 211 5.08 11.39 28.26
CA ASN B 211 3.92 12.25 28.12
C ASN B 211 2.88 11.55 27.26
N HIS B 212 1.64 11.54 27.72
CA HIS B 212 0.54 10.93 26.98
C HIS B 212 -0.30 12.00 26.31
N PRO B 214 -3.47 11.82 28.50
CA PRO B 214 -3.89 12.32 29.81
C PRO B 214 -2.98 11.83 30.94
N SER B 215 -1.66 11.85 30.71
CA SER B 215 -0.70 11.39 31.72
C SER B 215 0.66 12.01 31.43
N ASN B 216 1.23 12.66 32.46
CA ASN B 216 2.58 13.19 32.40
C ASN B 216 3.38 12.55 33.53
N THR B 217 4.49 11.90 33.18
CA THR B 217 5.24 11.13 34.17
C THR B 217 6.72 11.11 33.83
N LYS B 218 7.55 11.48 34.80
CA LYS B 218 8.99 11.33 34.70
C LYS B 218 9.48 10.64 35.96
N VAL B 219 10.20 9.52 35.79
CA VAL B 219 10.62 8.67 36.89
C VAL B 219 12.14 8.53 36.86
N ASP B 220 12.77 8.74 38.01
CA ASP B 220 14.20 8.51 38.12
C ASP B 220 14.52 7.05 37.89
N LYS B 221 15.55 6.79 37.09
CA LYS B 221 15.97 5.43 36.74
C LYS B 221 17.45 5.27 37.09
N LYS B 222 17.74 5.24 38.39
CA LYS B 222 19.11 5.06 38.85
C LYS B 222 19.47 3.57 38.85
N VAL B 223 20.49 3.21 39.62
CA VAL B 223 20.91 1.81 39.70
C VAL B 223 20.45 1.17 41.00
N LYS C 4 -12.78 7.96 -41.14
CA LYS C 4 -12.86 9.08 -40.20
C LYS C 4 -14.08 8.94 -39.29
N VAL C 5 -13.84 8.56 -38.04
CA VAL C 5 -14.92 8.41 -37.07
C VAL C 5 -15.46 9.79 -36.70
N THR C 6 -16.73 10.02 -36.94
CA THR C 6 -17.38 11.29 -36.68
C THR C 6 -18.55 11.08 -35.71
N VAL C 7 -19.23 12.18 -35.38
CA VAL C 7 -20.39 12.11 -34.50
C VAL C 7 -21.56 11.39 -35.17
N ASP C 8 -21.53 11.27 -36.49
CA ASP C 8 -22.57 10.55 -37.22
C ASP C 8 -22.22 9.07 -37.44
N THR C 9 -21.06 8.63 -36.99
CA THR C 9 -20.66 7.25 -37.18
C THR C 9 -21.48 6.32 -36.29
N VAL C 10 -21.89 5.18 -36.85
CA VAL C 10 -22.57 4.14 -36.10
C VAL C 10 -21.60 2.98 -35.96
N CYS C 11 -21.11 2.76 -34.75
CA CYS C 11 -20.16 1.69 -34.50
C CYS C 11 -20.87 0.34 -34.63
N LYS C 12 -20.42 -0.48 -35.58
CA LYS C 12 -20.98 -1.81 -35.75
C LYS C 12 -20.52 -2.71 -34.62
N ARG C 13 -21.47 -3.18 -33.81
CA ARG C 13 -21.19 -4.02 -32.65
C ARG C 13 -20.30 -3.30 -31.63
N GLY C 14 -20.55 -2.00 -31.46
CA GLY C 14 -19.80 -1.21 -30.53
C GLY C 14 -20.53 0.07 -30.19
N PHE C 15 -19.83 0.97 -29.51
CA PHE C 15 -20.41 2.25 -29.11
C PHE C 15 -19.34 3.33 -29.15
N LEU C 16 -19.79 4.56 -29.37
CA LEU C 16 -18.88 5.70 -29.49
C LEU C 16 -18.45 6.21 -28.13
N ILE C 17 -17.18 6.58 -28.03
CA ILE C 17 -16.63 7.28 -26.87
C ILE C 17 -15.88 8.50 -27.36
N GLN C 18 -15.85 9.54 -26.53
CA GLN C 18 -15.23 10.81 -26.89
C GLN C 18 -14.14 11.18 -25.90
N MET C 19 -13.03 11.66 -26.43
CA MET C 19 -11.93 12.19 -25.63
C MET C 19 -11.72 13.66 -26.00
N SER C 20 -10.60 14.21 -25.54
CA SER C 20 -10.39 15.66 -25.65
C SER C 20 -10.25 16.11 -27.10
N GLY C 21 -9.84 15.21 -28.00
CA GLY C 21 -9.55 15.62 -29.35
C GLY C 21 -10.04 14.70 -30.45
N HIS C 22 -10.80 13.67 -30.10
CA HIS C 22 -11.29 12.75 -31.13
C HIS C 22 -12.42 11.91 -30.57
N LEU C 23 -13.02 11.12 -31.46
CA LEU C 23 -14.00 10.09 -31.13
C LEU C 23 -13.53 8.78 -31.71
N GLU C 24 -13.94 7.68 -31.08
CA GLU C 24 -13.56 6.36 -31.57
C GLU C 24 -14.57 5.34 -31.08
N CYS C 25 -14.57 4.18 -31.74
CA CYS C 25 -15.50 3.11 -31.42
C CYS C 25 -14.87 2.16 -30.41
N LYS C 26 -15.61 1.89 -29.33
CA LYS C 26 -15.20 0.92 -28.32
C LYS C 26 -16.01 -0.36 -28.52
N CYS C 27 -15.31 -1.47 -28.72
CA CYS C 27 -15.99 -2.73 -28.99
C CYS C 27 -16.68 -3.26 -27.75
N GLU C 28 -17.82 -3.90 -27.95
CA GLU C 28 -18.58 -4.51 -26.88
C GLU C 28 -18.15 -5.95 -26.67
N ASN C 29 -18.20 -6.39 -25.41
CA ASN C 29 -17.86 -7.76 -25.01
C ASN C 29 -16.40 -8.02 -25.39
N ASP C 30 -16.09 -9.12 -26.07
CA ASP C 30 -14.71 -9.49 -26.39
C ASP C 30 -14.42 -9.32 -27.89
N LEU C 31 -15.11 -8.41 -28.55
CA LEU C 31 -14.89 -8.18 -29.96
C LEU C 31 -13.68 -7.29 -30.18
N VAL C 32 -13.13 -7.35 -31.39
CA VAL C 32 -11.96 -6.56 -31.77
C VAL C 32 -12.30 -5.75 -33.01
N LEU C 33 -11.56 -4.65 -33.17
CA LEU C 33 -11.78 -3.77 -34.32
C LEU C 33 -11.20 -4.38 -35.59
N VAL C 34 -12.02 -4.51 -36.62
CA VAL C 34 -11.56 -4.96 -37.93
C VAL C 34 -11.34 -3.73 -38.79
N ASN C 35 -12.09 -2.66 -38.52
CA ASN C 35 -11.87 -1.36 -39.13
C ASN C 35 -12.20 -0.30 -38.09
N GLU C 36 -12.29 0.95 -38.53
CA GLU C 36 -12.53 2.05 -37.60
C GLU C 36 -13.95 2.06 -37.03
N GLU C 37 -14.88 1.25 -37.57
CA GLU C 37 -16.25 1.30 -37.07
C GLU C 37 -16.95 -0.05 -37.06
N THR C 38 -16.22 -1.17 -37.09
CA THR C 38 -16.83 -2.49 -37.08
C THR C 38 -16.08 -3.39 -36.12
N CYS C 39 -16.81 -4.06 -35.22
CA CYS C 39 -16.23 -4.98 -34.27
C CYS C 39 -16.68 -6.40 -34.57
N GLU C 40 -15.73 -7.34 -34.51
CA GLU C 40 -16.03 -8.74 -34.74
C GLU C 40 -15.23 -9.58 -33.75
N GLU C 41 -15.67 -10.83 -33.58
CA GLU C 41 -15.00 -11.73 -32.65
C GLU C 41 -13.65 -12.18 -33.21
N LYS C 42 -12.68 -12.32 -32.32
CA LYS C 42 -11.31 -12.65 -32.70
C LYS C 42 -11.06 -14.15 -32.54
N VAL C 43 -10.24 -14.69 -33.44
CA VAL C 43 -9.82 -16.08 -33.37
C VAL C 43 -8.57 -16.19 -32.50
N LEU C 44 -8.41 -17.33 -31.86
CA LEU C 44 -7.27 -17.54 -30.96
C LEU C 44 -6.05 -18.09 -31.67
N LYS C 45 -6.24 -18.86 -32.74
CA LYS C 45 -5.14 -19.46 -33.48
C LYS C 45 -5.21 -19.06 -34.94
N CYS C 46 -4.08 -19.19 -35.63
CA CYS C 46 -3.98 -18.86 -37.04
C CYS C 46 -3.57 -20.11 -37.80
N ASP C 47 -4.41 -20.55 -38.72
CA ASP C 47 -4.12 -21.71 -39.55
C ASP C 47 -4.67 -21.43 -40.95
N GLU C 48 -4.92 -22.50 -41.73
CA GLU C 48 -5.40 -22.32 -43.09
C GLU C 48 -6.87 -21.92 -43.10
N LYS C 49 -7.67 -22.45 -42.18
CA LYS C 49 -9.08 -22.09 -42.09
C LYS C 49 -9.31 -20.71 -41.50
N THR C 50 -8.37 -20.21 -40.71
CA THR C 50 -8.51 -18.91 -40.07
C THR C 50 -7.55 -17.88 -40.63
N VAL C 51 -7.04 -18.11 -41.85
CA VAL C 51 -6.10 -17.16 -42.43
C VAL C 51 -6.85 -15.88 -42.78
N ASN C 52 -6.20 -14.73 -42.55
CA ASN C 52 -6.78 -13.44 -42.87
C ASN C 52 -7.93 -13.13 -41.92
N LYS C 53 -8.20 -14.06 -41.00
CA LYS C 53 -9.24 -13.79 -40.03
C LYS C 53 -8.70 -12.90 -38.91
N PRO C 54 -9.55 -12.06 -38.34
CA PRO C 54 -9.06 -11.11 -37.32
C PRO C 54 -8.58 -11.81 -36.07
N CYS C 55 -7.39 -11.42 -35.60
CA CYS C 55 -6.83 -11.92 -34.35
C CYS C 55 -6.62 -10.81 -33.32
N GLY C 56 -7.12 -9.62 -33.59
CA GLY C 56 -6.95 -8.51 -32.69
C GLY C 56 -7.28 -7.20 -33.40
N ASP C 57 -7.16 -6.12 -32.63
CA ASP C 57 -7.44 -4.79 -33.17
C ASP C 57 -6.45 -4.45 -34.26
N PHE C 58 -6.96 -4.24 -35.47
CA PHE C 58 -6.15 -3.89 -36.64
C PHE C 58 -5.09 -4.95 -36.92
N SER C 59 -5.47 -6.23 -36.75
CA SER C 59 -4.55 -7.32 -37.00
C SER C 59 -5.35 -8.55 -37.43
N LYS C 60 -4.87 -9.23 -38.46
CA LYS C 60 -5.48 -10.45 -38.95
C LYS C 60 -4.39 -11.51 -39.14
N CYS C 61 -4.82 -12.77 -39.13
CA CYS C 61 -3.89 -13.88 -39.31
C CYS C 61 -3.24 -13.84 -40.68
N SER C 70 3.62 -20.74 -42.46
CA SER C 70 3.94 -19.54 -41.69
C SER C 70 2.70 -18.70 -41.43
N TYR C 71 2.12 -18.84 -40.24
CA TYR C 71 0.94 -18.09 -39.83
C TYR C 71 1.28 -17.27 -38.59
N ALA C 72 0.85 -16.01 -38.60
CA ALA C 72 1.12 -15.13 -37.48
C ALA C 72 0.11 -13.99 -37.49
N CYS C 73 -0.05 -13.36 -36.33
CA CYS C 73 -0.95 -12.22 -36.18
C CYS C 73 -0.15 -10.94 -36.42
N LYS C 74 -0.46 -10.24 -37.51
CA LYS C 74 0.29 -9.07 -37.92
C LYS C 74 -0.62 -7.87 -38.03
N CYS C 75 -0.11 -6.71 -37.62
CA CYS C 75 -0.87 -5.47 -37.72
C CYS C 75 -1.02 -5.05 -39.18
N ASN C 76 -2.08 -4.28 -39.45
CA ASN C 76 -2.33 -3.77 -40.78
C ASN C 76 -1.27 -2.72 -41.16
N LEU C 77 -1.33 -2.29 -42.42
CA LEU C 77 -0.39 -1.28 -42.90
C LEU C 77 -0.56 0.03 -42.16
N GLY C 78 0.54 0.56 -41.65
CA GLY C 78 0.52 1.76 -40.84
C GLY C 78 0.50 1.52 -39.35
N TYR C 79 0.47 0.26 -38.92
CA TYR C 79 0.43 -0.09 -37.51
C TYR C 79 1.63 -0.95 -37.15
N ASP C 80 2.06 -0.86 -35.89
CA ASP C 80 3.20 -1.61 -35.39
C ASP C 80 2.83 -2.27 -34.08
N MET C 81 3.42 -3.44 -33.84
CA MET C 81 3.23 -4.15 -32.58
C MET C 81 4.05 -3.48 -31.49
N VAL C 82 3.36 -2.85 -30.54
CA VAL C 82 3.99 -2.18 -29.41
C VAL C 82 3.29 -2.67 -28.15
N ASN C 83 4.02 -3.42 -27.32
CA ASN C 83 3.47 -4.01 -26.09
C ASN C 83 2.26 -4.89 -26.42
N ASN C 84 2.41 -5.74 -27.43
CA ASN C 84 1.39 -6.69 -27.89
C ASN C 84 0.13 -5.99 -28.38
N VAL C 85 0.23 -4.72 -28.76
CA VAL C 85 -0.91 -3.95 -29.24
C VAL C 85 -0.51 -3.21 -30.52
N CYS C 86 -1.40 -3.21 -31.50
CA CYS C 86 -1.18 -2.48 -32.74
C CYS C 86 -1.55 -1.02 -32.56
N ILE C 87 -0.57 -0.14 -32.71
CA ILE C 87 -0.80 1.31 -32.63
C ILE C 87 -0.33 1.91 -33.93
N PRO C 88 -0.86 3.09 -34.30
CA PRO C 88 -0.40 3.74 -35.52
C PRO C 88 1.12 3.94 -35.53
N ASN C 89 1.70 3.88 -36.73
CA ASN C 89 3.15 3.96 -36.86
C ASN C 89 3.68 5.28 -36.33
N GLU C 90 2.97 6.37 -36.57
CA GLU C 90 3.41 7.68 -36.09
C GLU C 90 3.28 7.83 -34.58
N CYS C 91 2.64 6.87 -33.91
CA CYS C 91 2.48 6.89 -32.45
C CYS C 91 3.44 5.94 -31.74
N LYS C 92 4.51 5.52 -32.42
CA LYS C 92 5.40 4.52 -31.83
C LYS C 92 6.17 5.09 -30.64
N GLN C 93 6.69 6.30 -30.77
CA GLN C 93 7.52 6.90 -29.73
C GLN C 93 6.82 8.02 -28.97
N VAL C 94 5.49 8.02 -28.94
CA VAL C 94 4.71 9.08 -28.32
C VAL C 94 4.11 8.56 -27.02
N THR C 95 4.35 9.28 -25.94
CA THR C 95 3.72 9.02 -24.64
C THR C 95 2.84 10.20 -24.28
N CYS C 96 1.60 9.92 -23.87
CA CYS C 96 0.62 10.96 -23.64
C CYS C 96 0.11 11.06 -22.21
N GLY C 97 0.44 10.10 -21.35
CA GLY C 97 0.01 10.16 -19.97
C GLY C 97 -1.50 9.99 -19.82
N ASN C 98 -2.19 11.07 -19.43
CA ASN C 98 -3.64 11.03 -19.25
C ASN C 98 -4.36 11.16 -20.59
N GLY C 99 -4.11 10.18 -21.46
CA GLY C 99 -4.76 10.20 -22.77
C GLY C 99 -4.24 9.10 -23.67
N LYS C 100 -4.25 9.39 -24.96
CA LYS C 100 -3.90 8.42 -25.99
C LYS C 100 -3.32 9.16 -27.19
N CYS C 101 -2.38 8.53 -27.87
CA CYS C 101 -1.81 9.10 -29.10
C CYS C 101 -2.70 8.75 -30.28
N ILE C 102 -2.99 9.76 -31.10
CA ILE C 102 -3.78 9.58 -32.31
C ILE C 102 -3.09 10.32 -33.45
N LEU C 103 -3.55 10.06 -34.67
CA LEU C 103 -3.07 10.77 -35.84
C LEU C 103 -3.82 12.09 -35.98
N ASP C 104 -3.07 13.17 -36.24
CA ASP C 104 -3.69 14.49 -36.38
C ASP C 104 -4.44 14.56 -37.70
N THR C 105 -5.76 14.68 -37.64
CA THR C 105 -6.55 14.74 -38.86
C THR C 105 -6.30 16.04 -39.62
N SER C 106 -5.88 17.10 -38.92
CA SER C 106 -5.55 18.38 -39.55
C SER C 106 -4.15 18.42 -40.13
N ASN C 107 -3.28 17.45 -39.80
CA ASN C 107 -1.92 17.43 -40.32
C ASN C 107 -1.80 16.43 -41.46
N PRO C 108 -1.22 16.82 -42.60
CA PRO C 108 -1.04 15.93 -43.75
C PRO C 108 -0.03 14.83 -43.51
N THR C 111 1.33 12.80 -38.40
CA THR C 111 1.95 13.24 -37.15
C THR C 111 1.15 12.76 -35.94
N GLY C 112 1.84 12.20 -34.96
CA GLY C 112 1.18 11.71 -33.77
C GLY C 112 1.01 12.82 -32.75
N VAL C 113 -0.24 13.02 -32.31
CA VAL C 113 -0.58 14.00 -31.29
C VAL C 113 -1.37 13.28 -30.21
N CYS C 114 -1.52 13.97 -29.08
CA CYS C 114 -2.15 13.38 -27.90
C CYS C 114 -3.61 13.80 -27.79
N SER C 115 -4.50 12.82 -27.64
CA SER C 115 -5.89 13.06 -27.27
C SER C 115 -6.05 12.65 -25.81
N CYS C 116 -6.59 13.55 -25.00
CA CYS C 116 -6.52 13.42 -23.56
C CYS C 116 -7.84 12.94 -22.98
N ASN C 117 -7.75 12.36 -21.78
CA ASN C 117 -8.95 12.00 -21.04
C ASN C 117 -9.76 13.24 -20.72
N ILE C 118 -11.08 13.06 -20.62
CA ILE C 118 -11.96 14.18 -20.32
C ILE C 118 -11.57 14.81 -19.00
N GLY C 119 -11.33 16.11 -19.01
CA GLY C 119 -10.80 16.82 -17.88
C GLY C 119 -9.37 17.31 -18.08
N LYS C 120 -8.66 16.73 -19.04
CA LYS C 120 -7.31 17.14 -19.38
C LYS C 120 -7.25 17.56 -20.83
N VAL C 121 -6.32 18.46 -21.14
CA VAL C 121 -6.10 18.94 -22.50
C VAL C 121 -4.62 19.05 -22.75
N PRO C 122 -4.19 18.99 -24.00
CA PRO C 122 -2.76 19.15 -24.31
C PRO C 122 -2.24 20.50 -23.81
N ASN C 123 -1.12 20.45 -23.10
CA ASN C 123 -0.54 21.64 -22.48
C ASN C 123 0.53 22.20 -23.41
N VAL C 124 0.24 23.35 -24.01
CA VAL C 124 1.21 23.99 -24.91
C VAL C 124 2.49 24.32 -24.16
N GLN C 125 2.41 24.54 -22.85
CA GLN C 125 3.58 24.78 -22.02
C GLN C 125 4.28 23.49 -21.60
N ASP C 126 3.80 22.34 -22.06
CA ASP C 126 4.39 21.05 -21.72
C ASP C 126 4.45 20.14 -22.95
N GLN C 127 4.83 20.72 -24.09
CA GLN C 127 4.97 19.97 -25.35
C GLN C 127 3.66 19.28 -25.73
N ASN C 128 2.54 19.95 -25.50
CA ASN C 128 1.22 19.46 -25.84
C ASN C 128 0.92 18.11 -25.20
N LYS C 129 1.44 17.89 -23.99
CA LYS C 129 1.12 16.69 -23.23
C LYS C 129 -0.16 16.90 -22.43
N CYS C 130 -0.80 15.78 -22.09
CA CYS C 130 -2.09 15.80 -21.39
C CYS C 130 -1.89 16.15 -19.92
N SER C 131 -1.43 17.39 -19.70
CA SER C 131 -1.12 17.85 -18.35
C SER C 131 -1.78 19.19 -18.01
N LYS C 132 -2.71 19.67 -18.83
CA LYS C 132 -3.39 20.92 -18.60
C LYS C 132 -4.87 20.67 -18.30
N ASP C 133 -5.39 21.34 -17.28
CA ASP C 133 -6.82 21.24 -16.97
C ASP C 133 -7.63 21.97 -18.03
N GLY C 134 -8.57 21.24 -18.65
CA GLY C 134 -9.39 21.81 -19.69
C GLY C 134 -10.68 21.05 -19.84
N GLU C 135 -11.74 21.77 -20.20
CA GLU C 135 -13.05 21.18 -20.41
C GLU C 135 -13.25 20.81 -21.86
N THR C 136 -14.05 19.77 -22.09
CA THR C 136 -14.37 19.29 -23.43
C THR C 136 -15.88 19.14 -23.55
N LYS C 137 -16.47 19.85 -24.50
CA LYS C 137 -17.92 19.75 -24.71
C LYS C 137 -18.25 18.42 -25.37
N CYS C 138 -19.21 17.70 -24.80
CA CYS C 138 -19.62 16.42 -25.38
C CYS C 138 -20.40 16.66 -26.66
N SER C 139 -19.97 15.97 -27.73
CA SER C 139 -20.60 16.09 -29.03
C SER C 139 -21.40 14.85 -29.41
N LEU C 140 -21.52 13.88 -28.52
CA LEU C 140 -22.18 12.63 -28.86
C LEU C 140 -23.68 12.84 -29.04
N LYS C 141 -24.24 12.20 -30.08
CA LYS C 141 -25.68 12.18 -30.31
C LYS C 141 -26.19 10.84 -29.78
N CYS C 142 -26.62 10.83 -28.52
CA CYS C 142 -27.16 9.63 -27.90
C CYS C 142 -28.56 9.40 -28.45
N LEU C 143 -28.66 8.50 -29.43
CA LEU C 143 -29.93 8.29 -30.12
C LEU C 143 -30.93 7.56 -29.23
N LYS C 144 -30.47 6.56 -28.47
CA LYS C 144 -31.39 5.74 -27.69
C LYS C 144 -32.14 6.56 -26.66
N GLU C 145 -33.43 6.27 -26.51
CA GLU C 145 -34.28 7.00 -25.58
C GLU C 145 -33.84 6.75 -24.14
N GLN C 146 -34.21 7.68 -23.27
CA GLN C 146 -33.84 7.68 -21.85
C GLN C 146 -32.34 7.72 -21.64
N GLU C 147 -31.56 8.07 -22.66
CA GLU C 147 -30.12 8.15 -22.58
C GLU C 147 -29.65 9.57 -22.84
N THR C 148 -28.44 9.85 -22.36
CA THR C 148 -27.79 11.13 -22.60
C THR C 148 -26.28 10.91 -22.55
N CYS C 149 -25.53 11.96 -22.85
CA CYS C 149 -24.08 11.89 -22.77
C CYS C 149 -23.65 11.98 -21.31
N LYS C 150 -22.92 10.97 -20.85
CA LYS C 150 -22.41 10.95 -19.48
C LYS C 150 -20.90 10.77 -19.51
N ALA C 151 -20.24 11.29 -18.47
CA ALA C 151 -18.80 11.21 -18.34
C ALA C 151 -18.45 10.11 -17.35
N VAL C 152 -17.44 9.32 -17.69
CA VAL C 152 -16.98 8.25 -16.81
C VAL C 152 -15.58 7.84 -17.24
N ASP C 153 -14.68 7.67 -16.28
CA ASP C 153 -13.32 7.18 -16.52
C ASP C 153 -12.62 7.97 -17.62
N GLY C 154 -12.79 9.29 -17.58
CA GLY C 154 -12.07 10.15 -18.49
C GLY C 154 -12.57 10.18 -19.91
N ILE C 155 -13.74 9.62 -20.20
CA ILE C 155 -14.32 9.67 -21.53
C ILE C 155 -15.80 10.01 -21.43
N TYR C 156 -16.36 10.43 -22.56
CA TYR C 156 -17.80 10.62 -22.71
C TYR C 156 -18.38 9.41 -23.44
N LYS C 157 -19.52 8.93 -22.97
CA LYS C 157 -20.23 7.86 -23.65
C LYS C 157 -21.71 8.01 -23.38
N CYS C 158 -22.52 7.35 -24.21
CA CYS C 158 -23.96 7.36 -24.02
C CYS C 158 -24.35 6.34 -22.97
N ASP C 159 -25.12 6.78 -21.98
CA ASP C 159 -25.58 5.91 -20.92
C ASP C 159 -26.92 6.41 -20.42
N CYS C 160 -27.57 5.57 -19.61
CA CYS C 160 -28.91 5.86 -19.13
C CYS C 160 -28.93 7.17 -18.35
N LYS C 161 -30.09 7.83 -18.36
CA LYS C 161 -30.25 9.10 -17.67
C LYS C 161 -30.27 8.88 -16.16
N ASP C 162 -30.61 9.94 -15.41
CA ASP C 162 -30.65 9.85 -13.96
C ASP C 162 -31.78 8.99 -13.44
N GLY C 163 -32.65 8.46 -14.31
CA GLY C 163 -33.76 7.64 -13.87
C GLY C 163 -33.93 6.37 -14.68
N PHE C 164 -32.83 5.71 -15.02
CA PHE C 164 -32.86 4.47 -15.78
C PHE C 164 -31.53 3.76 -15.65
N ILE C 165 -31.53 2.47 -15.98
CA ILE C 165 -30.32 1.67 -15.95
C ILE C 165 -30.58 0.41 -16.77
N ILE C 166 -29.50 -0.21 -17.25
CA ILE C 166 -29.51 -1.43 -18.06
C ILE C 166 -30.60 -1.39 -19.13
N SER C 171 -31.38 -4.83 -21.01
CA SER C 171 -31.50 -4.74 -22.46
C SER C 171 -31.50 -3.28 -22.91
N ILE C 172 -32.43 -2.49 -22.39
CA ILE C 172 -32.53 -1.07 -22.70
C ILE C 172 -32.75 -0.30 -21.40
N CYS C 173 -32.35 0.97 -21.41
CA CYS C 173 -32.47 1.80 -20.21
C CYS C 173 -33.92 1.90 -19.77
N THR C 174 -34.16 1.66 -18.48
CA THR C 174 -35.49 1.73 -17.91
C THR C 174 -35.42 1.85 -16.39
#